data_7QFV
#
_entry.id   7QFV
#
_cell.length_a   38.430
_cell.length_b   40.080
_cell.length_c   65.210
_cell.angle_alpha   82.080
_cell.angle_beta   84.950
_cell.angle_gamma   70.870
#
_symmetry.space_group_name_H-M   'P 1'
#
loop_
_entity.id
_entity.type
_entity.pdbx_description
1 polymer Kallikrein-6
2 polymer 'KLK6 Activity-Based Probe (Ahx-DPhe-Ser(Z)-Dht-Arg-DPP)'
3 water water
#
loop_
_entity_poly.entity_id
_entity_poly.type
_entity_poly.pdbx_seq_one_letter_code
_entity_poly.pdbx_strand_id
1 'polypeptide(L)'
;LVHGGPCDKTSHPYQAALYTSGHLLCGGVLIHPLWVLTAAHCKKPNLQVFLGKHNLGQQESSQEQSSVVRAVIHPDYDAA
SHDQDIMLLRLARPAKLSELIQPLPLERDCSAQTTSCHILGWGKTADGDFPDTIQCAYIHLVSREECEHAYPGQITQNML
CAGDEKYGKDSCQGDSGGPLVCGDHLRGLVSWGNIPCGSKEKPGVYTNVCRYTNWIQKTIQAK
;
A,B
2 'polypeptide(D)' (ACA)(DPN)(SEM)(A1H2D)(A1H2E) C,D
#
loop_
_chem_comp.id
_chem_comp.type
_chem_comp.name
_chem_comp.formula
A1H2D non-polymer '(2~{S})-2-azanyl-3-[(3~{S})-2,3-dihydro-1~{H}-indol-3-yl]propanoic acid' 'C11 H14 N2 O2'
A1H2E non-polymer 1-[(4~{R})-4-azanyl-4-diphenoxyphosphoryl-butyl]guanidine 'C17 H24 N4 O3 P 1'
#
# COMPACT_ATOMS: atom_id res chain seq x y z
N LEU A 1 14.48 19.36 4.64
CA LEU A 1 15.27 18.88 5.76
C LEU A 1 15.72 20.09 6.59
N VAL A 2 15.82 19.89 7.91
CA VAL A 2 16.01 21.01 8.83
C VAL A 2 17.46 21.07 9.28
N HIS A 3 17.98 22.31 9.39
CA HIS A 3 19.28 22.65 9.98
C HIS A 3 20.44 22.27 9.08
N GLY A 4 20.17 22.16 7.79
CA GLY A 4 21.17 21.90 6.78
C GLY A 4 21.51 23.16 6.01
N GLY A 5 21.97 22.98 4.79
CA GLY A 5 22.23 24.09 3.90
C GLY A 5 22.17 23.65 2.45
N PRO A 6 22.29 24.60 1.52
CA PRO A 6 22.22 24.22 0.09
C PRO A 6 23.37 23.28 -0.29
N CYS A 7 23.03 22.24 -1.06
CA CYS A 7 24.02 21.29 -1.56
C CYS A 7 24.94 21.95 -2.57
N ASP A 8 26.12 21.37 -2.73
CA ASP A 8 26.95 21.69 -3.88
C ASP A 8 26.26 21.21 -5.15
N LYS A 9 26.42 22.00 -6.22
CA LYS A 9 25.70 21.75 -7.47
C LYS A 9 26.04 20.39 -8.08
N THR A 10 27.27 19.92 -7.94
CA THR A 10 27.72 18.72 -8.63
C THR A 10 27.62 17.45 -7.79
N SER A 11 27.13 17.53 -6.57
CA SER A 11 27.28 16.47 -5.58
C SER A 11 26.06 15.56 -5.47
N HIS A 12 25.02 15.78 -6.26
CA HIS A 12 23.81 15.00 -6.07
C HIS A 12 23.20 14.50 -7.38
N PRO A 13 23.99 13.91 -8.29
CA PRO A 13 23.45 13.57 -9.63
C PRO A 13 22.39 12.47 -9.59
N TYR A 14 22.26 11.78 -8.48
CA TYR A 14 21.29 10.71 -8.29
C TYR A 14 19.98 11.19 -7.70
N GLN A 15 19.88 12.46 -7.33
CA GLN A 15 18.66 12.91 -6.68
C GLN A 15 17.53 13.05 -7.68
N ALA A 16 16.36 12.49 -7.35
CA ALA A 16 15.17 12.70 -8.13
C ALA A 16 14.18 13.58 -7.36
N ALA A 17 13.43 14.39 -8.10
CA ALA A 17 12.27 15.09 -7.54
C ALA A 17 11.01 14.45 -8.07
N LEU A 18 10.09 14.10 -7.17
CA LEU A 18 8.81 13.51 -7.55
C LEU A 18 7.75 14.59 -7.43
N TYR A 19 7.02 14.81 -8.52
CA TYR A 19 5.99 15.83 -8.60
C TYR A 19 4.62 15.19 -8.85
N THR A 20 3.59 15.87 -8.34
CA THR A 20 2.22 15.65 -8.78
C THR A 20 1.56 17.01 -8.93
N SER A 21 0.72 17.16 -9.95
CA SER A 21 0.05 18.43 -10.24
C SER A 21 1.05 19.59 -10.26
N GLY A 22 2.25 19.33 -10.77
CA GLY A 22 3.25 20.37 -10.96
C GLY A 22 3.94 20.86 -9.70
N HIS A 23 3.74 20.20 -8.57
CA HIS A 23 4.39 20.57 -7.32
C HIS A 23 5.12 19.39 -6.69
N LEU A 24 6.21 19.72 -6.00
CA LEU A 24 6.99 18.70 -5.29
C LEU A 24 6.14 17.91 -4.31
N LEU A 25 6.29 16.58 -4.37
CA LEU A 25 5.68 15.65 -3.43
C LEU A 25 6.71 14.95 -2.55
N CYS A 26 7.76 14.44 -3.16
CA CYS A 26 8.68 13.53 -2.49
C CYS A 26 10.03 13.64 -3.19
N GLY A 27 11.06 13.11 -2.55
CA GLY A 27 12.30 12.84 -3.24
C GLY A 27 12.34 11.42 -3.77
N GLY A 28 13.46 11.11 -4.41
CA GLY A 28 13.69 9.75 -4.88
C GLY A 28 15.12 9.64 -5.33
N VAL A 29 15.52 8.43 -5.69
CA VAL A 29 16.93 8.14 -5.99
C VAL A 29 16.99 7.39 -7.30
N LEU A 30 17.73 7.94 -8.27
CA LEU A 30 18.00 7.19 -9.49
C LEU A 30 18.95 6.06 -9.17
N ILE A 31 18.51 4.83 -9.38
CA ILE A 31 19.38 3.67 -9.14
C ILE A 31 19.70 2.90 -10.41
N HIS A 32 19.12 3.26 -11.53
CA HIS A 32 19.23 2.56 -12.81
C HIS A 32 18.68 3.51 -13.85
N PRO A 33 19.14 3.51 -15.11
CA PRO A 33 18.61 4.50 -16.05
C PRO A 33 17.08 4.44 -16.21
N LEU A 34 16.46 3.31 -15.92
CA LEU A 34 15.02 3.18 -16.09
C LEU A 34 14.23 3.24 -14.78
N TRP A 35 14.90 3.29 -13.62
CA TRP A 35 14.22 3.10 -12.34
C TRP A 35 14.63 4.13 -11.29
N VAL A 36 13.62 4.68 -10.62
CA VAL A 36 13.81 5.56 -9.48
C VAL A 36 13.27 4.86 -8.25
N LEU A 37 14.05 4.85 -7.18
CA LEU A 37 13.62 4.27 -5.92
C LEU A 37 13.07 5.39 -5.04
N THR A 38 11.97 5.10 -4.34
CA THR A 38 11.37 6.08 -3.44
C THR A 38 10.58 5.33 -2.36
N ALA A 39 9.91 6.10 -1.50
CA ALA A 39 9.09 5.54 -0.43
C ALA A 39 7.73 5.11 -0.98
N ALA A 40 7.23 3.98 -0.48
CA ALA A 40 5.90 3.53 -0.88
C ALA A 40 4.82 4.53 -0.52
N HIS A 41 5.01 5.27 0.57
CA HIS A 41 3.94 6.20 0.94
C HIS A 41 3.88 7.41 0.03
N CYS A 42 4.85 7.56 -0.90
CA CYS A 42 4.76 8.61 -1.91
C CYS A 42 3.90 8.22 -3.10
N LYS A 43 3.29 7.03 -3.10
CA LYS A 43 2.51 6.60 -4.25
C LYS A 43 1.30 7.52 -4.41
N LYS A 44 1.12 8.03 -5.62
CA LYS A 44 -0.04 8.80 -6.02
C LYS A 44 -0.27 8.53 -7.50
N PRO A 45 -1.47 8.77 -8.00
CA PRO A 45 -1.64 8.69 -9.46
C PRO A 45 -0.86 9.82 -10.11
N ASN A 46 -0.43 9.58 -11.34
CA ASN A 46 0.15 10.63 -12.18
C ASN A 46 1.46 11.22 -11.65
N LEU A 47 2.33 10.37 -11.10
CA LEU A 47 3.64 10.86 -10.65
C LEU A 47 4.48 11.34 -11.83
N GLN A 48 5.19 12.46 -11.64
CA GLN A 48 6.16 12.99 -12.59
C GLN A 48 7.53 13.00 -11.94
N VAL A 49 8.56 12.55 -12.65
CA VAL A 49 9.92 12.51 -12.11
C VAL A 49 10.78 13.57 -12.80
N PHE A 50 11.52 14.36 -12.01
CA PHE A 50 12.53 15.27 -12.56
C PHE A 50 13.91 14.85 -12.10
N LEU A 51 14.79 14.61 -13.06
CA LEU A 51 16.21 14.32 -12.83
C LEU A 51 17.04 15.53 -13.19
N GLY A 52 18.23 15.60 -12.60
CA GLY A 52 19.18 16.67 -12.90
C GLY A 52 18.80 18.03 -12.39
N LYS A 53 17.94 18.10 -11.37
CA LYS A 53 17.47 19.36 -10.80
C LYS A 53 18.32 19.78 -9.61
N HIS A 54 18.41 21.10 -9.41
CA HIS A 54 19.10 21.69 -8.27
C HIS A 54 18.20 22.76 -7.64
N ASN A 55 17.81 23.75 -8.44
CA ASN A 55 16.87 24.78 -8.03
C ASN A 55 15.54 24.44 -8.68
N LEU A 56 14.50 24.20 -7.87
CA LEU A 56 13.25 23.68 -8.45
C LEU A 56 12.58 24.67 -9.39
N GLY A 57 12.66 25.97 -9.10
CA GLY A 57 11.97 26.96 -9.90
C GLY A 57 12.66 27.32 -11.20
N GLN A 58 13.93 26.98 -11.34
CA GLN A 58 14.65 27.29 -12.56
C GLN A 58 14.44 26.20 -13.58
N GLN A 59 14.24 26.58 -14.84
CA GLN A 59 14.37 25.63 -15.93
C GLN A 59 15.86 25.42 -16.16
N GLU A 60 16.36 24.23 -15.88
CA GLU A 60 17.80 24.01 -15.84
C GLU A 60 18.22 23.16 -17.04
N SER A 61 19.37 23.50 -17.61
CA SER A 61 19.83 22.83 -18.83
C SER A 61 20.06 21.36 -18.57
N SER A 62 20.36 21.00 -17.33
CA SER A 62 20.71 19.63 -16.97
C SER A 62 19.50 18.76 -16.66
N GLN A 63 18.30 19.32 -16.60
CA GLN A 63 17.17 18.58 -16.06
C GLN A 63 16.53 17.72 -17.13
N GLU A 64 15.93 16.61 -16.70
CA GLU A 64 15.12 15.76 -17.57
C GLU A 64 13.81 15.49 -16.86
N GLN A 65 12.70 15.52 -17.59
CA GLN A 65 11.42 15.17 -17.00
C GLN A 65 10.95 13.84 -17.58
N SER A 66 10.33 13.02 -16.75
CA SER A 66 9.82 11.75 -17.28
C SER A 66 8.54 11.38 -16.57
N SER A 67 7.58 10.87 -17.33
CA SER A 67 6.43 10.26 -16.69
C SER A 67 6.79 8.88 -16.16
N VAL A 68 6.02 8.44 -15.17
CA VAL A 68 6.21 7.14 -14.55
C VAL A 68 5.20 6.20 -15.19
N VAL A 69 5.67 5.09 -15.78
CA VAL A 69 4.76 4.15 -16.43
C VAL A 69 4.38 2.95 -15.57
N ARG A 70 5.11 2.70 -14.48
CA ARG A 70 4.78 1.61 -13.57
C ARG A 70 5.33 2.02 -12.21
N ALA A 71 4.54 1.77 -11.17
CA ALA A 71 4.95 2.02 -9.80
C ALA A 71 4.77 0.73 -9.04
N VAL A 72 5.88 0.14 -8.59
CA VAL A 72 5.87 -1.18 -7.99
C VAL A 72 6.05 -0.98 -6.49
N ILE A 73 4.95 -1.09 -5.75
CA ILE A 73 5.01 -1.00 -4.29
C ILE A 73 5.48 -2.34 -3.75
N HIS A 74 6.35 -2.30 -2.74
CA HIS A 74 6.83 -3.54 -2.17
C HIS A 74 5.62 -4.36 -1.69
N PRO A 75 5.57 -5.66 -1.99
CA PRO A 75 4.38 -6.45 -1.64
C PRO A 75 4.08 -6.49 -0.17
N ASP A 76 5.08 -6.28 0.69
CA ASP A 76 4.95 -6.37 2.13
C ASP A 76 4.83 -5.02 2.82
N TYR A 77 4.69 -3.95 2.04
CA TYR A 77 4.53 -2.62 2.61
C TYR A 77 3.33 -2.59 3.55
N ASP A 78 3.51 -2.04 4.74
CA ASP A 78 2.47 -1.94 5.75
C ASP A 78 2.34 -0.46 6.09
N ALA A 79 1.35 0.21 5.49
CA ALA A 79 1.25 1.66 5.66
C ALA A 79 1.07 2.05 7.12
N ALA A 80 0.37 1.22 7.90
CA ALA A 80 0.05 1.60 9.28
C ALA A 80 1.30 1.66 10.15
N SER A 81 2.21 0.71 9.98
CA SER A 81 3.45 0.68 10.74
C SER A 81 4.62 1.34 10.03
N HIS A 82 4.45 1.71 8.76
CA HIS A 82 5.49 2.21 7.86
C HIS A 82 6.55 1.15 7.53
N ASP A 83 6.29 -0.12 7.85
CA ASP A 83 7.24 -1.18 7.56
C ASP A 83 7.34 -1.45 6.06
N GLN A 84 8.57 -1.62 5.57
CA GLN A 84 8.84 -1.96 4.16
C GLN A 84 8.40 -0.83 3.21
N ASP A 85 8.78 0.38 3.58
CA ASP A 85 8.34 1.60 2.92
C ASP A 85 9.24 1.89 1.71
N ILE A 86 8.98 1.17 0.64
CA ILE A 86 9.85 1.25 -0.54
C ILE A 86 9.02 0.96 -1.78
N MET A 87 9.41 1.59 -2.89
CA MET A 87 8.65 1.42 -4.12
C MET A 87 9.57 1.77 -5.29
N LEU A 88 9.38 1.07 -6.40
CA LEU A 88 10.18 1.29 -7.59
C LEU A 88 9.33 1.98 -8.66
N LEU A 89 9.87 3.05 -9.24
CA LEU A 89 9.20 3.78 -10.31
C LEU A 89 9.92 3.50 -11.63
N ARG A 90 9.22 2.92 -12.60
CA ARG A 90 9.73 2.73 -13.95
C ARG A 90 9.50 3.99 -14.76
N LEU A 91 10.59 4.55 -15.29
CA LEU A 91 10.53 5.71 -16.16
C LEU A 91 10.09 5.32 -17.56
N ALA A 92 9.37 6.25 -18.21
CA ALA A 92 8.88 5.99 -19.56
C ALA A 92 10.01 5.85 -20.59
N ARG A 93 11.17 6.44 -20.33
CA ARG A 93 12.34 6.30 -21.19
C ARG A 93 13.59 6.30 -20.34
N PRO A 94 14.65 5.61 -20.77
CA PRO A 94 15.88 5.62 -19.97
C PRO A 94 16.38 7.06 -19.82
N ALA A 95 16.71 7.42 -18.58
CA ALA A 95 17.38 8.68 -18.32
C ALA A 95 18.63 8.81 -19.17
N LYS A 96 18.93 10.02 -19.63
CA LYS A 96 20.13 10.24 -20.42
C LYS A 96 21.20 10.73 -19.46
N LEU A 97 22.16 9.85 -19.15
CA LEU A 97 23.10 10.13 -18.07
C LEU A 97 24.09 11.22 -18.48
N SER A 98 24.58 11.92 -17.47
CA SER A 98 25.50 13.04 -17.65
C SER A 98 26.26 13.22 -16.36
N GLU A 99 27.10 14.26 -16.32
CA GLU A 99 27.75 14.63 -15.06
C GLU A 99 26.72 14.90 -13.96
N LEU A 100 25.53 15.38 -14.33
CA LEU A 100 24.54 15.80 -13.34
C LEU A 100 23.36 14.84 -13.19
N ILE A 101 23.36 13.71 -13.92
CA ILE A 101 22.35 12.65 -13.80
C ILE A 101 23.09 11.32 -13.84
N GLN A 102 23.18 10.64 -12.70
CA GLN A 102 23.92 9.40 -12.55
C GLN A 102 23.19 8.54 -11.52
N PRO A 103 23.17 7.23 -11.69
CA PRO A 103 22.63 6.36 -10.65
C PRO A 103 23.57 6.30 -9.45
N LEU A 104 22.97 6.00 -8.29
CA LEU A 104 23.73 5.76 -7.06
C LEU A 104 23.71 4.28 -6.73
N PRO A 105 24.87 3.65 -6.54
CA PRO A 105 24.89 2.22 -6.22
C PRO A 105 24.29 1.97 -4.86
N LEU A 106 23.65 0.80 -4.71
CA LEU A 106 23.00 0.43 -3.45
C LEU A 106 24.00 -0.16 -2.47
N GLU A 107 23.79 0.13 -1.18
CA GLU A 107 24.51 -0.60 -0.16
C GLU A 107 23.87 -1.98 -0.03
N ARG A 108 24.62 -3.01 -0.31
CA ARG A 108 24.09 -4.37 -0.20
C ARG A 108 24.38 -4.99 1.15
N ASP A 109 25.29 -4.40 1.91
CA ASP A 109 25.77 -4.96 3.17
C ASP A 109 25.05 -4.26 4.32
N CYS A 110 24.14 -4.99 4.97
CA CYS A 110 23.44 -4.40 6.12
C CYS A 110 24.41 -4.10 7.27
N SER A 111 25.60 -4.70 7.26
CA SER A 111 26.60 -4.47 8.29
C SER A 111 27.69 -3.49 7.85
N ALA A 112 27.43 -2.69 6.81
CA ALA A 112 28.41 -1.74 6.29
C ALA A 112 28.95 -0.85 7.41
N GLN A 113 30.24 -0.54 7.33
CA GLN A 113 30.92 0.11 8.46
C GLN A 113 30.80 1.63 8.46
N THR A 114 30.47 2.26 7.34
CA THR A 114 30.35 3.71 7.30
C THR A 114 29.08 4.16 8.03
N THR A 115 29.25 4.93 9.12
CA THR A 115 28.10 5.36 9.91
C THR A 115 27.78 6.85 9.80
N SER A 116 28.62 7.63 9.11
CA SER A 116 28.32 9.03 8.84
C SER A 116 27.78 9.16 7.42
N CYS A 117 26.67 9.88 7.26
CA CYS A 117 25.89 9.83 6.04
C CYS A 117 25.42 11.24 5.67
N HIS A 118 24.95 11.37 4.43
CA HIS A 118 24.33 12.60 3.96
C HIS A 118 22.86 12.34 3.70
N ILE A 119 22.03 13.35 3.97
CA ILE A 119 20.64 13.32 3.53
C ILE A 119 20.44 14.53 2.64
N LEU A 120 19.51 14.43 1.69
CA LEU A 120 19.32 15.45 0.68
C LEU A 120 17.83 15.56 0.35
N GLY A 121 17.39 16.77 0.06
CA GLY A 121 16.02 16.91 -0.43
C GLY A 121 15.56 18.35 -0.43
N TRP A 122 14.35 18.54 -0.97
CA TRP A 122 13.67 19.83 -1.03
C TRP A 122 12.54 19.93 -0.02
N GLY A 123 12.56 19.08 1.00
CA GLY A 123 11.54 19.15 2.04
C GLY A 123 11.68 20.39 2.93
N LYS A 124 10.72 20.50 3.83
CA LYS A 124 10.60 21.67 4.70
C LYS A 124 11.90 21.94 5.44
N THR A 125 12.28 23.21 5.49
CA THR A 125 13.45 23.61 6.25
C THR A 125 13.04 24.14 7.62
N ALA A 126 14.04 24.57 8.39
CA ALA A 126 13.83 24.93 9.79
C ALA A 126 12.88 26.11 9.93
N ASP A 127 12.87 27.03 8.95
CA ASP A 127 11.96 28.16 8.97
C ASP A 127 10.49 27.78 8.78
N GLY A 128 10.20 26.51 8.49
CA GLY A 128 8.84 26.05 8.30
C GLY A 128 8.34 26.14 6.88
N ASP A 129 9.18 26.60 5.95
CA ASP A 129 8.89 26.81 4.54
C ASP A 129 9.63 25.79 3.68
N PHE A 130 9.29 25.78 2.38
CA PHE A 130 9.93 24.86 1.43
C PHE A 130 10.97 25.57 0.58
N PRO A 131 12.15 24.98 0.43
CA PRO A 131 13.24 25.66 -0.28
C PRO A 131 13.17 25.45 -1.77
N ASP A 132 13.70 26.44 -2.50
CA ASP A 132 13.90 26.26 -3.93
C ASP A 132 15.12 25.40 -4.22
N THR A 133 16.22 25.63 -3.49
CA THR A 133 17.47 24.95 -3.72
C THR A 133 17.56 23.70 -2.85
N ILE A 134 18.01 22.60 -3.47
CA ILE A 134 18.13 21.34 -2.74
C ILE A 134 19.04 21.52 -1.52
N GLN A 135 18.64 20.92 -0.41
CA GLN A 135 19.34 21.03 0.86
C GLN A 135 20.06 19.72 1.18
N CYS A 136 21.13 19.85 1.97
CA CYS A 136 22.02 18.75 2.32
C CYS A 136 22.34 18.86 3.81
N ALA A 137 22.51 17.70 4.45
CA ALA A 137 22.99 17.69 5.83
C ALA A 137 23.71 16.38 6.09
N TYR A 138 24.72 16.47 6.96
CA TYR A 138 25.54 15.34 7.40
C TYR A 138 25.04 14.85 8.75
N ILE A 139 24.70 13.57 8.84
CA ILE A 139 24.16 12.98 10.06
C ILE A 139 24.82 11.63 10.30
N HIS A 140 24.41 10.96 11.38
CA HIS A 140 25.09 9.72 11.76
C HIS A 140 24.08 8.65 12.08
N LEU A 141 24.38 7.43 11.65
CA LEU A 141 23.54 6.29 11.99
C LEU A 141 23.52 6.06 13.50
N VAL A 142 22.37 5.58 13.97
CA VAL A 142 22.07 5.29 15.36
C VAL A 142 21.82 3.80 15.47
N SER A 143 22.29 3.14 16.52
CA SER A 143 22.09 1.70 16.61
C SER A 143 20.60 1.35 16.69
N ARG A 144 20.27 0.12 16.28
CA ARG A 144 18.93 -0.45 16.42
C ARG A 144 18.39 -0.29 17.84
N GLU A 145 19.22 -0.63 18.84
CA GLU A 145 18.77 -0.61 20.22
C GLU A 145 18.47 0.81 20.69
N GLU A 146 19.29 1.78 20.30
CA GLU A 146 19.01 3.15 20.69
C GLU A 146 17.78 3.68 19.98
N CYS A 147 17.60 3.33 18.71
CA CYS A 147 16.42 3.79 17.98
C CYS A 147 15.15 3.13 18.51
N GLU A 148 15.22 1.83 18.81
CA GLU A 148 14.12 1.15 19.48
C GLU A 148 13.76 1.83 20.79
N HIS A 149 14.76 2.37 21.48
CA HIS A 149 14.53 3.06 22.74
C HIS A 149 13.76 4.36 22.51
N ALA A 150 14.06 5.04 21.40
CA ALA A 150 13.35 6.26 20.99
C ALA A 150 11.92 5.98 20.53
N TYR A 151 11.69 4.86 19.85
CA TYR A 151 10.39 4.57 19.25
C TYR A 151 9.96 3.15 19.62
N PRO A 152 9.59 2.93 20.88
CA PRO A 152 9.40 1.55 21.34
C PRO A 152 8.31 0.84 20.56
N GLY A 153 8.62 -0.37 20.09
CA GLY A 153 7.71 -1.21 19.34
C GLY A 153 7.49 -0.79 17.90
N GLN A 154 8.22 0.19 17.41
CA GLN A 154 7.93 0.74 16.10
C GLN A 154 9.04 0.51 15.09
N ILE A 155 10.18 -0.01 15.50
CA ILE A 155 11.33 -0.17 14.63
C ILE A 155 11.47 -1.63 14.25
N THR A 156 11.59 -1.90 12.94
CA THR A 156 11.82 -3.24 12.43
C THR A 156 13.21 -3.33 11.80
N GLN A 157 13.58 -4.56 11.43
CA GLN A 157 14.83 -4.80 10.71
C GLN A 157 14.84 -4.12 9.35
N ASN A 158 13.69 -3.67 8.86
CA ASN A 158 13.59 -2.98 7.58
C ASN A 158 13.74 -1.47 7.71
N MET A 159 14.13 -1.00 8.89
CA MET A 159 14.30 0.42 9.18
C MET A 159 15.69 0.66 9.73
N LEU A 160 16.21 1.85 9.47
CA LEU A 160 17.50 2.28 9.95
C LEU A 160 17.33 3.71 10.44
N CYS A 161 17.96 4.05 11.57
CA CYS A 161 17.79 5.36 12.16
C CYS A 161 19.07 6.19 12.07
N ALA A 162 18.89 7.51 11.94
CA ALA A 162 20.03 8.39 11.77
C ALA A 162 19.66 9.78 12.27
N GLY A 163 20.64 10.48 12.83
CA GLY A 163 20.34 11.82 13.30
C GLY A 163 21.58 12.55 13.75
N ASP A 164 21.35 13.65 14.47
CA ASP A 164 22.43 14.58 14.82
C ASP A 164 22.15 15.13 16.21
N GLU A 165 22.91 14.66 17.20
CA GLU A 165 22.66 15.06 18.57
C GLU A 165 22.94 16.54 18.82
N LYS A 166 23.75 17.20 17.98
CA LYS A 166 24.18 18.55 18.30
C LYS A 166 23.20 19.61 17.79
N TYR A 167 22.86 19.56 16.50
CA TYR A 167 21.97 20.54 15.92
C TYR A 167 20.62 19.97 15.53
N GLY A 168 20.47 18.65 15.57
CA GLY A 168 19.21 18.02 15.21
C GLY A 168 18.90 17.98 13.74
N LYS A 169 19.93 18.09 12.88
CA LYS A 169 19.75 17.94 11.45
C LYS A 169 18.90 16.70 11.15
N ASP A 170 17.93 16.86 10.26
CA ASP A 170 16.90 15.83 10.12
C ASP A 170 16.16 16.01 8.80
N SER A 171 15.63 14.91 8.29
CA SER A 171 14.71 15.03 7.17
C SER A 171 13.38 15.59 7.66
N CYS A 172 12.53 15.99 6.72
CA CYS A 172 11.26 16.62 7.08
C CYS A 172 10.27 16.40 5.94
N GLN A 173 9.11 17.03 6.04
CA GLN A 173 8.03 16.83 5.07
C GLN A 173 8.46 17.24 3.66
N GLY A 174 8.29 16.32 2.70
CA GLY A 174 8.71 16.57 1.33
C GLY A 174 10.02 15.91 0.98
N ASP A 175 10.76 15.40 1.98
CA ASP A 175 11.99 14.67 1.77
C ASP A 175 11.79 13.18 1.58
N SER A 176 10.61 12.63 1.91
CA SER A 176 10.42 11.18 1.83
C SER A 176 10.80 10.63 0.48
N GLY A 177 11.34 9.43 0.53
CA GLY A 177 11.79 8.76 -0.64
C GLY A 177 13.17 9.18 -1.07
N GLY A 178 13.69 10.30 -0.53
CA GLY A 178 15.02 10.74 -0.86
C GLY A 178 16.09 9.92 -0.15
N PRO A 179 17.34 10.17 -0.52
CA PRO A 179 18.42 9.26 -0.11
C PRO A 179 19.07 9.60 1.22
N LEU A 180 19.44 8.53 1.93
CA LEU A 180 20.44 8.57 2.99
C LEU A 180 21.67 7.90 2.40
N VAL A 181 22.72 8.69 2.17
CA VAL A 181 23.90 8.24 1.43
C VAL A 181 25.03 8.05 2.43
N CYS A 182 25.57 6.84 2.52
CA CYS A 182 26.65 6.55 3.45
C CYS A 182 27.78 5.86 2.70
N GLY A 183 28.98 6.43 2.79
CA GLY A 183 30.11 5.85 2.05
C GLY A 183 29.84 5.74 0.56
N ASP A 184 29.18 6.76 -0.01
CA ASP A 184 28.88 6.87 -1.43
C ASP A 184 28.00 5.73 -1.95
N HIS A 185 27.21 5.11 -1.06
CA HIS A 185 26.22 4.11 -1.43
C HIS A 185 24.88 4.50 -0.85
N LEU A 186 23.81 4.05 -1.50
CA LEU A 186 22.47 4.30 -0.97
C LEU A 186 22.22 3.36 0.20
N ARG A 187 22.12 3.91 1.41
CA ARG A 187 21.87 3.12 2.61
C ARG A 187 20.42 3.16 3.06
N GLY A 188 19.73 4.29 2.84
CA GLY A 188 18.37 4.43 3.33
C GLY A 188 17.54 5.34 2.45
N LEU A 189 16.23 5.30 2.67
CA LEU A 189 15.28 6.21 2.06
C LEU A 189 14.54 6.93 3.17
N VAL A 190 14.39 8.25 3.04
CA VAL A 190 13.61 9.01 4.02
C VAL A 190 12.23 8.40 4.17
N SER A 191 11.86 8.02 5.40
CA SER A 191 10.56 7.39 5.65
C SER A 191 9.75 8.18 6.66
N TRP A 192 10.17 8.24 7.93
CA TRP A 192 9.37 8.92 8.93
C TRP A 192 10.31 9.40 10.04
N GLY A 193 9.74 9.99 11.08
CA GLY A 193 10.58 10.56 12.10
C GLY A 193 9.76 11.36 13.07
N ASN A 194 10.46 12.16 13.88
CA ASN A 194 9.77 12.86 14.94
C ASN A 194 8.94 14.02 14.37
N ILE A 195 7.96 14.45 15.16
CA ILE A 195 7.23 15.68 14.95
C ILE A 195 7.41 16.51 16.21
N PRO A 196 7.97 17.73 16.12
CA PRO A 196 8.48 18.43 14.93
C PRO A 196 9.69 17.72 14.33
N CYS A 197 10.06 18.05 13.09
CA CYS A 197 11.29 17.50 12.57
C CYS A 197 12.46 18.05 13.37
N GLY A 198 13.50 17.23 13.48
CA GLY A 198 14.64 17.56 14.34
C GLY A 198 15.03 16.34 15.14
N SER A 199 16.31 15.97 15.08
CA SER A 199 16.77 14.68 15.57
C SER A 199 17.64 14.76 16.84
N LYS A 200 17.55 15.85 17.61
CA LYS A 200 18.35 15.95 18.82
C LYS A 200 18.03 14.83 19.80
N GLU A 201 16.75 14.48 19.91
CA GLU A 201 16.25 13.51 20.89
C GLU A 201 15.87 12.19 20.24
N LYS A 202 15.12 12.26 19.14
CA LYS A 202 14.63 11.10 18.43
C LYS A 202 15.16 11.13 17.00
N PRO A 203 15.79 10.07 16.53
CA PRO A 203 16.38 10.09 15.20
C PRO A 203 15.34 9.95 14.09
N GLY A 204 15.76 10.36 12.90
CA GLY A 204 14.97 10.07 11.71
C GLY A 204 15.00 8.58 11.41
N VAL A 205 13.93 8.11 10.77
CA VAL A 205 13.80 6.69 10.47
C VAL A 205 13.77 6.51 8.96
N TYR A 206 14.56 5.57 8.45
CA TYR A 206 14.81 5.40 7.03
C TYR A 206 14.54 3.96 6.63
N THR A 207 14.08 3.78 5.39
CA THR A 207 13.92 2.41 4.90
C THR A 207 15.29 1.81 4.69
N ASN A 208 15.47 0.57 5.16
CA ASN A 208 16.79 -0.06 5.21
C ASN A 208 17.06 -0.72 3.86
N VAL A 209 17.71 0.01 2.95
CA VAL A 209 17.77 -0.40 1.54
C VAL A 209 18.51 -1.71 1.36
N CYS A 210 19.48 -2.02 2.22
CA CYS A 210 20.25 -3.27 2.09
C CYS A 210 19.36 -4.51 2.16
N ARG A 211 18.19 -4.40 2.78
CA ARG A 211 17.24 -5.51 2.87
C ARG A 211 16.50 -5.77 1.57
N TYR A 212 16.64 -4.92 0.56
CA TYR A 212 15.76 -5.00 -0.61
C TYR A 212 16.53 -5.34 -1.87
N THR A 213 17.78 -5.80 -1.75
CA THR A 213 18.61 -6.12 -2.92
C THR A 213 17.92 -7.11 -3.84
N ASN A 214 17.36 -8.17 -3.29
CA ASN A 214 16.80 -9.23 -4.10
C ASN A 214 15.56 -8.77 -4.84
N TRP A 215 14.63 -8.12 -4.12
CA TRP A 215 13.41 -7.62 -4.74
C TRP A 215 13.71 -6.57 -5.80
N ILE A 216 14.66 -5.66 -5.53
CA ILE A 216 15.01 -4.66 -6.53
C ILE A 216 15.56 -5.32 -7.77
N GLN A 217 16.51 -6.25 -7.59
CA GLN A 217 17.08 -6.94 -8.74
C GLN A 217 16.00 -7.69 -9.52
N LYS A 218 15.12 -8.43 -8.83
CA LYS A 218 14.07 -9.16 -9.53
C LYS A 218 13.17 -8.22 -10.31
N THR A 219 12.78 -7.10 -9.70
CA THR A 219 11.87 -6.15 -10.35
C THR A 219 12.50 -5.52 -11.57
N ILE A 220 13.76 -5.10 -11.48
CA ILE A 220 14.41 -4.47 -12.61
C ILE A 220 14.64 -5.47 -13.74
N GLN A 221 14.98 -6.72 -13.41
CA GLN A 221 15.36 -7.68 -14.44
C GLN A 221 14.16 -8.37 -15.08
N ALA A 222 12.96 -8.20 -14.55
CA ALA A 222 11.78 -8.83 -15.12
C ALA A 222 11.54 -8.30 -16.53
N LEU B 1 -11.84 0.58 3.59
CA LEU B 1 -11.15 -0.08 4.68
C LEU B 1 -10.22 0.93 5.37
N VAL B 2 -10.05 0.77 6.67
CA VAL B 2 -9.40 1.78 7.49
C VAL B 2 -7.97 1.36 7.82
N HIS B 3 -7.05 2.34 7.79
CA HIS B 3 -5.66 2.19 8.22
C HIS B 3 -4.84 1.35 7.25
N GLY B 4 -5.24 1.34 5.98
CA GLY B 4 -4.50 0.72 4.92
C GLY B 4 -3.77 1.72 4.04
N GLY B 5 -3.48 1.31 2.81
CA GLY B 5 -2.90 2.18 1.82
C GLY B 5 -3.23 1.67 0.44
N PRO B 6 -2.90 2.42 -0.61
CA PRO B 6 -3.24 1.98 -1.98
C PRO B 6 -2.54 0.67 -2.33
N CYS B 7 -3.30 -0.25 -2.91
CA CYS B 7 -2.73 -1.49 -3.39
C CYS B 7 -1.78 -1.20 -4.55
N ASP B 8 -0.84 -2.11 -4.76
CA ASP B 8 -0.10 -2.13 -6.02
C ASP B 8 -1.06 -2.46 -7.15
N LYS B 9 -0.81 -1.84 -8.31
CA LYS B 9 -1.73 -1.96 -9.46
C LYS B 9 -1.94 -3.40 -9.90
N THR B 10 -0.92 -4.24 -9.77
CA THR B 10 -0.99 -5.61 -10.27
C THR B 10 -1.38 -6.62 -9.20
N SER B 11 -1.70 -6.17 -7.99
CA SER B 11 -1.80 -7.07 -6.86
C SER B 11 -3.21 -7.56 -6.59
N HIS B 12 -4.18 -7.13 -7.38
CA HIS B 12 -5.56 -7.48 -7.06
C HIS B 12 -6.36 -7.85 -8.30
N PRO B 13 -5.86 -8.71 -9.21
CA PRO B 13 -6.56 -8.92 -10.47
C PRO B 13 -7.90 -9.61 -10.30
N TYR B 14 -8.18 -10.16 -9.12
CA TYR B 14 -9.45 -10.84 -8.83
C TYR B 14 -10.51 -9.91 -8.24
N GLN B 15 -10.18 -8.66 -7.96
CA GLN B 15 -11.13 -7.76 -7.34
C GLN B 15 -12.19 -7.28 -8.33
N ALA B 16 -13.45 -7.37 -7.92
CA ALA B 16 -14.58 -6.79 -8.64
C ALA B 16 -15.12 -5.61 -7.87
N ALA B 17 -15.62 -4.63 -8.60
CA ALA B 17 -16.43 -3.54 -8.04
C ALA B 17 -17.86 -3.72 -8.51
N LEU B 18 -18.80 -3.71 -7.57
CA LEU B 18 -20.22 -3.85 -7.88
C LEU B 18 -20.89 -2.50 -7.77
N TYR B 19 -21.59 -2.10 -8.84
CA TYR B 19 -22.33 -0.85 -8.90
C TYR B 19 -23.82 -1.13 -9.07
N THR B 20 -24.64 -0.24 -8.51
CA THR B 20 -26.06 -0.24 -8.81
C THR B 20 -26.49 1.20 -9.02
N SER B 21 -27.28 1.43 -10.07
CA SER B 21 -27.73 2.76 -10.45
C SER B 21 -26.57 3.77 -10.46
N GLY B 22 -25.41 3.32 -10.92
CA GLY B 22 -24.24 4.17 -11.05
C GLY B 22 -23.49 4.47 -9.77
N HIS B 23 -23.80 3.83 -8.64
CA HIS B 23 -23.04 4.07 -7.43
C HIS B 23 -22.39 2.79 -6.95
N LEU B 24 -21.17 2.93 -6.43
CA LEU B 24 -20.47 1.82 -5.83
C LEU B 24 -21.29 1.24 -4.68
N LEU B 25 -21.50 -0.07 -4.70
CA LEU B 25 -22.24 -0.74 -3.64
C LEU B 25 -21.38 -1.67 -2.80
N CYS B 26 -20.57 -2.51 -3.45
CA CYS B 26 -19.92 -3.63 -2.81
C CYS B 26 -18.65 -3.98 -3.57
N GLY B 27 -17.79 -4.76 -2.93
CA GLY B 27 -16.74 -5.45 -3.64
C GLY B 27 -17.20 -6.85 -4.00
N GLY B 28 -16.32 -7.58 -4.66
CA GLY B 28 -16.57 -8.96 -5.01
C GLY B 28 -15.28 -9.57 -5.50
N VAL B 29 -15.33 -10.87 -5.77
CA VAL B 29 -14.14 -11.64 -6.11
C VAL B 29 -14.42 -12.47 -7.36
N LEU B 30 -13.61 -12.27 -8.39
CA LEU B 30 -13.66 -13.16 -9.56
C LEU B 30 -13.10 -14.52 -9.16
N ILE B 31 -13.90 -15.58 -9.26
CA ILE B 31 -13.46 -16.93 -8.92
C ILE B 31 -13.51 -17.87 -10.12
N HIS B 32 -13.99 -17.41 -11.25
CA HIS B 32 -14.17 -18.22 -12.47
C HIS B 32 -14.39 -17.17 -13.55
N PRO B 33 -14.01 -17.42 -14.80
CA PRO B 33 -14.20 -16.37 -15.82
C PRO B 33 -15.64 -15.89 -15.97
N LEU B 34 -16.62 -16.69 -15.54
CA LEU B 34 -18.03 -16.32 -15.64
C LEU B 34 -18.67 -15.93 -14.30
N TRP B 35 -17.95 -16.04 -13.18
CA TRP B 35 -18.62 -15.92 -11.88
C TRP B 35 -17.87 -15.04 -10.90
N VAL B 36 -18.61 -14.16 -10.24
CA VAL B 36 -18.10 -13.33 -9.17
C VAL B 36 -18.80 -13.71 -7.87
N LEU B 37 -18.02 -13.88 -6.81
CA LEU B 37 -18.53 -14.17 -5.49
C LEU B 37 -18.62 -12.86 -4.71
N THR B 38 -19.69 -12.70 -3.93
CA THR B 38 -19.84 -11.48 -3.14
C THR B 38 -20.75 -11.81 -1.95
N ALA B 39 -21.06 -10.79 -1.15
CA ALA B 39 -21.94 -10.96 0.00
C ALA B 39 -23.39 -11.01 -0.50
N ALA B 40 -24.19 -11.87 0.13
CA ALA B 40 -25.60 -11.96 -0.24
C ALA B 40 -26.32 -10.63 -0.03
N HIS B 41 -25.87 -9.85 0.94
CA HIS B 41 -26.57 -8.60 1.20
C HIS B 41 -26.27 -7.55 0.16
N CYS B 42 -25.36 -7.82 -0.79
CA CYS B 42 -25.09 -6.94 -1.91
C CYS B 42 -26.09 -7.11 -3.05
N LYS B 43 -27.08 -7.99 -2.89
CA LYS B 43 -28.00 -8.28 -3.99
C LYS B 43 -28.80 -7.05 -4.39
N LYS B 44 -28.83 -6.79 -5.70
CA LYS B 44 -29.68 -5.80 -6.35
C LYS B 44 -30.08 -6.37 -7.70
N PRO B 45 -31.20 -5.90 -8.27
CA PRO B 45 -31.66 -6.47 -9.55
C PRO B 45 -30.84 -6.10 -10.77
N ASN B 46 -30.11 -5.00 -10.77
CA ASN B 46 -29.41 -4.54 -11.96
C ASN B 46 -27.91 -4.35 -11.73
N LEU B 47 -27.28 -5.25 -11.00
CA LEU B 47 -25.88 -5.06 -10.65
C LEU B 47 -25.00 -4.97 -11.89
N GLN B 48 -24.04 -4.06 -11.84
CA GLN B 48 -23.01 -3.94 -12.87
C GLN B 48 -21.68 -4.29 -12.22
N VAL B 49 -20.93 -5.17 -12.86
CA VAL B 49 -19.66 -5.64 -12.32
C VAL B 49 -18.56 -4.99 -13.15
N PHE B 50 -17.61 -4.36 -12.47
CA PHE B 50 -16.43 -3.80 -13.11
C PHE B 50 -15.24 -4.63 -12.70
N LEU B 51 -14.55 -5.18 -13.69
CA LEU B 51 -13.34 -5.95 -13.49
C LEU B 51 -12.16 -5.13 -13.98
N GLY B 52 -10.97 -5.40 -13.45
CA GLY B 52 -9.79 -4.71 -13.89
C GLY B 52 -9.70 -3.26 -13.45
N LYS B 53 -10.41 -2.89 -12.37
CA LYS B 53 -10.40 -1.52 -11.89
C LYS B 53 -9.38 -1.38 -10.77
N HIS B 54 -8.81 -0.19 -10.66
CA HIS B 54 -7.84 0.13 -9.61
C HIS B 54 -8.19 1.50 -9.05
N ASN B 55 -8.20 2.49 -9.92
CA ASN B 55 -8.58 3.86 -9.59
C ASN B 55 -9.95 4.13 -10.20
N LEU B 56 -10.95 4.33 -9.34
CA LEU B 56 -12.32 4.57 -9.79
C LEU B 56 -12.50 5.92 -10.51
N GLY B 57 -11.58 6.84 -10.28
CA GLY B 57 -11.75 8.20 -10.81
C GLY B 57 -11.32 8.35 -12.25
N GLN B 58 -10.87 7.24 -12.84
CA GLN B 58 -10.34 7.34 -14.21
C GLN B 58 -10.68 6.09 -15.03
N GLN B 59 -10.80 6.25 -16.33
CA GLN B 59 -10.97 5.06 -17.18
C GLN B 59 -9.59 4.40 -17.20
N GLU B 60 -9.57 3.08 -17.09
CA GLU B 60 -8.31 2.37 -17.04
C GLU B 60 -8.16 1.40 -18.21
N SER B 61 -6.90 1.09 -18.54
CA SER B 61 -6.62 0.31 -19.75
C SER B 61 -7.27 -1.07 -19.74
N SER B 62 -7.32 -1.70 -18.58
CA SER B 62 -7.73 -3.10 -18.47
C SER B 62 -9.22 -3.29 -18.15
N GLN B 63 -9.99 -2.23 -17.93
CA GLN B 63 -11.27 -2.45 -17.26
C GLN B 63 -12.31 -3.01 -18.22
N GLU B 64 -13.17 -3.87 -17.65
CA GLU B 64 -14.44 -4.31 -18.25
C GLU B 64 -15.61 -4.06 -17.34
N GLN B 65 -16.74 -3.72 -17.96
CA GLN B 65 -18.04 -3.69 -17.31
C GLN B 65 -18.92 -4.81 -17.85
N SER B 66 -19.68 -5.46 -16.98
CA SER B 66 -20.58 -6.51 -17.44
C SER B 66 -21.85 -6.49 -16.61
N SER B 67 -22.99 -6.77 -17.26
CA SER B 67 -24.21 -6.98 -16.51
C SER B 67 -24.18 -8.36 -15.85
N VAL B 68 -25.00 -8.52 -14.82
CA VAL B 68 -25.14 -9.78 -14.11
C VAL B 68 -26.43 -10.43 -14.63
N VAL B 69 -26.33 -11.65 -15.16
CA VAL B 69 -27.51 -12.33 -15.68
C VAL B 69 -28.13 -13.30 -14.66
N ARG B 70 -27.40 -13.66 -13.61
CA ARG B 70 -27.94 -14.53 -12.58
C ARG B 70 -27.27 -14.15 -11.27
N ALA B 71 -28.07 -14.07 -10.21
CA ALA B 71 -27.56 -13.84 -8.86
C ALA B 71 -28.10 -14.94 -7.94
N VAL B 72 -27.23 -15.82 -7.48
CA VAL B 72 -27.64 -16.98 -6.72
C VAL B 72 -27.24 -16.73 -5.26
N ILE B 73 -28.22 -16.41 -4.42
CA ILE B 73 -27.98 -16.24 -2.99
C ILE B 73 -27.97 -17.61 -2.33
N HIS B 74 -27.07 -17.81 -1.36
CA HIS B 74 -27.08 -19.09 -0.64
C HIS B 74 -28.48 -19.36 -0.08
N PRO B 75 -29.00 -20.57 -0.24
CA PRO B 75 -30.37 -20.84 0.20
C PRO B 75 -30.58 -20.66 1.70
N ASP B 76 -29.52 -20.75 2.51
CA ASP B 76 -29.62 -20.65 3.95
C ASP B 76 -29.29 -19.24 4.46
N TYR B 77 -29.09 -18.29 3.56
CA TYR B 77 -28.80 -16.92 3.94
C TYR B 77 -29.89 -16.37 4.86
N ASP B 78 -29.46 -15.77 5.97
CA ASP B 78 -30.35 -15.18 6.97
C ASP B 78 -29.91 -13.75 7.18
N ALA B 79 -30.63 -12.81 6.56
CA ALA B 79 -30.19 -11.41 6.56
C ALA B 79 -30.08 -10.85 7.98
N ALA B 80 -30.98 -11.26 8.88
CA ALA B 80 -31.03 -10.69 10.23
C ALA B 80 -29.81 -11.08 11.04
N SER B 81 -29.36 -12.34 10.93
CA SER B 81 -28.18 -12.78 11.66
C SER B 81 -26.89 -12.66 10.86
N HIS B 82 -26.98 -12.29 9.57
CA HIS B 82 -25.88 -12.29 8.61
C HIS B 82 -25.32 -13.68 8.34
N ASP B 83 -26.02 -14.72 8.77
CA ASP B 83 -25.52 -16.06 8.58
C ASP B 83 -25.59 -16.45 7.10
N GLN B 84 -24.52 -17.08 6.61
CA GLN B 84 -24.42 -17.61 5.25
C GLN B 84 -24.50 -16.49 4.21
N ASP B 85 -23.73 -15.42 4.47
CA ASP B 85 -23.79 -14.18 3.71
C ASP B 85 -22.91 -14.32 2.48
N ILE B 86 -23.43 -15.03 1.48
CA ILE B 86 -22.65 -15.32 0.28
C ILE B 86 -23.60 -15.47 -0.91
N MET B 87 -23.12 -15.07 -2.08
CA MET B 87 -23.94 -15.12 -3.28
C MET B 87 -23.04 -15.13 -4.51
N LEU B 88 -23.48 -15.82 -5.55
CA LEU B 88 -22.75 -15.97 -6.81
C LEU B 88 -23.40 -15.13 -7.89
N LEU B 89 -22.59 -14.37 -8.62
CA LEU B 89 -23.05 -13.55 -9.73
C LEU B 89 -22.55 -14.14 -11.04
N ARG B 90 -23.49 -14.47 -11.93
CA ARG B 90 -23.16 -14.93 -13.27
C ARG B 90 -22.97 -13.74 -14.19
N LEU B 91 -21.76 -13.59 -14.76
CA LEU B 91 -21.49 -12.49 -15.68
C LEU B 91 -22.14 -12.72 -17.04
N ALA B 92 -22.61 -11.63 -17.65
CA ALA B 92 -23.23 -11.73 -18.97
C ALA B 92 -22.25 -12.20 -20.04
N ARG B 93 -20.97 -11.93 -19.86
CA ARG B 93 -19.96 -12.43 -20.79
C ARG B 93 -18.71 -12.75 -20.00
N PRO B 94 -17.92 -13.74 -20.44
CA PRO B 94 -16.73 -14.12 -19.68
C PRO B 94 -15.76 -12.95 -19.52
N ALA B 95 -15.12 -12.93 -18.38
CA ALA B 95 -14.07 -11.93 -18.18
C ALA B 95 -12.97 -12.18 -19.21
N LYS B 96 -12.43 -11.11 -19.75
CA LYS B 96 -11.27 -11.25 -20.65
C LYS B 96 -10.04 -11.29 -19.76
N LEU B 97 -9.52 -12.49 -19.57
CA LEU B 97 -8.38 -12.60 -18.62
C LEU B 97 -7.13 -11.91 -19.17
N SER B 98 -6.37 -11.33 -18.25
CA SER B 98 -5.14 -10.61 -18.55
C SER B 98 -4.33 -10.51 -17.26
N GLU B 99 -3.21 -9.76 -17.29
CA GLU B 99 -2.47 -9.52 -16.05
C GLU B 99 -3.36 -8.93 -14.95
N LEU B 100 -4.32 -8.11 -15.33
CA LEU B 100 -5.09 -7.35 -14.35
C LEU B 100 -6.49 -7.89 -14.14
N ILE B 101 -6.86 -9.00 -14.79
CA ILE B 101 -8.15 -9.68 -14.57
C ILE B 101 -7.86 -11.17 -14.48
N GLN B 102 -7.94 -11.74 -13.27
CA GLN B 102 -7.61 -13.14 -13.00
C GLN B 102 -8.49 -13.69 -11.88
N PRO B 103 -8.92 -14.94 -11.96
CA PRO B 103 -9.66 -15.52 -10.83
C PRO B 103 -8.73 -15.83 -9.68
N LEU B 104 -9.31 -15.85 -8.47
CA LEU B 104 -8.65 -16.22 -7.23
C LEU B 104 -9.14 -17.59 -6.80
N PRO B 105 -8.25 -18.55 -6.58
CA PRO B 105 -8.69 -19.86 -6.12
C PRO B 105 -9.27 -19.83 -4.71
N LEU B 106 -10.20 -20.75 -4.44
CA LEU B 106 -10.84 -20.84 -3.13
C LEU B 106 -9.98 -21.63 -2.16
N GLU B 107 -10.01 -21.23 -0.88
CA GLU B 107 -9.45 -22.06 0.18
C GLU B 107 -10.43 -23.19 0.45
N ARG B 108 -9.98 -24.42 0.26
CA ARG B 108 -10.89 -25.55 0.47
C ARG B 108 -10.81 -26.14 1.87
N ASP B 109 -9.76 -25.84 2.63
CA ASP B 109 -9.53 -26.44 3.92
C ASP B 109 -9.87 -25.42 5.01
N CYS B 110 -10.96 -25.65 5.74
CA CYS B 110 -11.30 -24.73 6.82
C CYS B 110 -10.24 -24.71 7.91
N SER B 111 -9.38 -25.72 7.97
CA SER B 111 -8.32 -25.77 8.97
C SER B 111 -7.00 -25.25 8.44
N ALA B 112 -7.02 -24.56 7.30
CA ALA B 112 -5.78 -24.00 6.77
C ALA B 112 -5.12 -23.12 7.82
N GLN B 113 -3.81 -23.28 7.96
CA GLN B 113 -3.07 -22.70 9.06
C GLN B 113 -2.59 -21.27 8.80
N THR B 114 -2.58 -20.83 7.55
CA THR B 114 -2.08 -19.49 7.25
C THR B 114 -3.05 -18.46 7.83
N THR B 115 -2.59 -17.74 8.86
CA THR B 115 -3.44 -16.76 9.52
C THR B 115 -3.08 -15.34 9.15
N SER B 116 -2.02 -15.13 8.36
CA SER B 116 -1.66 -13.80 7.89
C SER B 116 -2.35 -13.57 6.55
N CYS B 117 -3.13 -12.50 6.47
CA CYS B 117 -4.09 -12.31 5.38
C CYS B 117 -4.12 -10.85 4.97
N HIS B 118 -4.71 -10.57 3.81
CA HIS B 118 -4.98 -9.20 3.42
C HIS B 118 -6.43 -9.02 2.96
N ILE B 119 -6.91 -7.80 3.16
CA ILE B 119 -8.24 -7.37 2.73
C ILE B 119 -8.07 -6.21 1.78
N LEU B 120 -9.09 -6.01 0.93
CA LEU B 120 -9.00 -5.04 -0.14
C LEU B 120 -10.36 -4.44 -0.37
N GLY B 121 -10.39 -3.16 -0.75
CA GLY B 121 -11.64 -2.61 -1.23
C GLY B 121 -11.61 -1.10 -1.36
N TRP B 122 -12.73 -0.59 -1.87
CA TRP B 122 -12.94 0.84 -2.07
C TRP B 122 -13.86 1.44 -1.00
N GLY B 123 -14.06 0.75 0.12
CA GLY B 123 -14.90 1.23 1.20
C GLY B 123 -14.29 2.41 1.96
N LYS B 124 -15.05 2.91 2.94
CA LYS B 124 -14.63 4.09 3.72
C LYS B 124 -13.26 3.90 4.35
N THR B 125 -12.45 4.97 4.31
CA THR B 125 -11.15 4.98 4.97
C THR B 125 -11.29 5.60 6.36
N ALA B 126 -10.16 5.77 7.05
CA ALA B 126 -10.20 6.13 8.47
C ALA B 126 -10.81 7.50 8.70
N ASP B 127 -10.55 8.45 7.79
CA ASP B 127 -11.13 9.78 7.86
C ASP B 127 -12.60 9.81 7.49
N GLY B 128 -13.17 8.69 7.07
CA GLY B 128 -14.58 8.63 6.72
C GLY B 128 -14.91 8.87 5.26
N ASP B 129 -13.92 9.09 4.41
CA ASP B 129 -14.16 9.37 3.00
C ASP B 129 -14.02 8.08 2.19
N PHE B 130 -14.53 8.10 0.95
CA PHE B 130 -14.37 6.97 0.06
C PHE B 130 -13.22 7.24 -0.88
N PRO B 131 -12.30 6.30 -1.06
CA PRO B 131 -11.11 6.55 -1.87
C PRO B 131 -11.34 6.23 -3.33
N ASP B 132 -10.59 6.92 -4.19
CA ASP B 132 -10.60 6.57 -5.60
C ASP B 132 -9.80 5.30 -5.84
N THR B 133 -8.65 5.19 -5.19
CA THR B 133 -7.75 4.05 -5.40
C THR B 133 -8.03 2.96 -4.39
N ILE B 134 -8.09 1.72 -4.87
CA ILE B 134 -8.37 0.59 -4.00
C ILE B 134 -7.34 0.50 -2.90
N GLN B 135 -7.79 0.19 -1.69
CA GLN B 135 -6.93 0.11 -0.52
C GLN B 135 -6.69 -1.34 -0.13
N CYS B 136 -5.57 -1.55 0.53
CA CYS B 136 -5.10 -2.87 0.93
C CYS B 136 -4.63 -2.78 2.37
N ALA B 137 -4.80 -3.86 3.13
CA ALA B 137 -4.21 -3.92 4.46
C ALA B 137 -4.02 -5.37 4.85
N TYR B 138 -2.98 -5.60 5.65
CA TYR B 138 -2.64 -6.91 6.19
C TYR B 138 -3.30 -7.05 7.56
N ILE B 139 -4.05 -8.13 7.76
CA ILE B 139 -4.69 -8.44 9.03
C ILE B 139 -4.46 -9.93 9.32
N HIS B 140 -4.96 -10.40 10.46
CA HIS B 140 -4.71 -11.78 10.85
C HIS B 140 -6.00 -12.43 11.32
N LEU B 141 -6.15 -13.72 11.02
CA LEU B 141 -7.30 -14.46 11.51
C LEU B 141 -7.32 -14.47 13.03
N VAL B 142 -8.53 -14.46 13.56
CA VAL B 142 -8.80 -14.43 14.99
C VAL B 142 -9.54 -15.70 15.36
N SER B 143 -9.20 -16.27 16.51
CA SER B 143 -9.77 -17.55 16.93
C SER B 143 -11.30 -17.46 17.10
N ARG B 144 -11.93 -18.63 16.99
CA ARG B 144 -13.36 -18.77 17.25
C ARG B 144 -13.75 -18.19 18.61
N GLU B 145 -13.03 -18.59 19.65
CA GLU B 145 -13.42 -18.15 20.98
C GLU B 145 -13.17 -16.67 21.18
N GLU B 146 -12.15 -16.10 20.55
CA GLU B 146 -12.00 -14.65 20.68
C GLU B 146 -13.11 -13.91 19.94
N CYS B 147 -13.51 -14.37 18.75
CA CYS B 147 -14.63 -13.69 18.06
C CYS B 147 -15.91 -13.83 18.86
N GLU B 148 -16.19 -15.05 19.30
CA GLU B 148 -17.27 -15.18 20.29
C GLU B 148 -16.62 -14.42 21.45
N HIS B 149 -17.36 -13.81 22.33
CA HIS B 149 -16.68 -12.97 23.37
C HIS B 149 -16.67 -11.53 22.87
N ALA B 150 -16.17 -11.31 21.65
CA ALA B 150 -16.28 -9.96 21.09
C ALA B 150 -17.74 -9.72 20.69
N TYR B 151 -18.40 -10.77 20.19
CA TYR B 151 -19.76 -10.64 19.69
C TYR B 151 -20.59 -11.77 20.30
N PRO B 152 -20.91 -11.66 21.60
CA PRO B 152 -21.48 -12.81 22.31
C PRO B 152 -22.79 -13.27 21.68
N GLY B 153 -22.86 -14.57 21.37
CA GLY B 153 -24.10 -15.10 20.82
C GLY B 153 -24.40 -14.75 19.38
N GLN B 154 -23.47 -14.14 18.63
CA GLN B 154 -23.75 -13.66 17.29
C GLN B 154 -22.93 -14.36 16.21
N ILE B 155 -21.97 -15.20 16.58
CA ILE B 155 -21.05 -15.79 15.61
C ILE B 155 -21.47 -17.22 15.33
N THR B 156 -21.54 -17.58 14.04
CA THR B 156 -21.84 -18.94 13.62
C THR B 156 -20.59 -19.56 13.00
N GLN B 157 -20.66 -20.88 12.76
CA GLN B 157 -19.55 -21.57 12.09
C GLN B 157 -19.33 -21.06 10.67
N ASN B 158 -20.29 -20.34 10.12
CA ASN B 158 -20.20 -19.83 8.75
C ASN B 158 -19.54 -18.46 8.70
N MET B 159 -18.97 -18.01 9.80
CA MET B 159 -18.32 -16.72 9.91
C MET B 159 -16.90 -16.96 10.37
N LEU B 160 -16.01 -16.07 9.93
CA LEU B 160 -14.61 -16.10 10.25
C LEU B 160 -14.22 -14.69 10.67
N CYS B 161 -13.45 -14.56 11.72
CA CYS B 161 -13.08 -13.24 12.21
C CYS B 161 -11.62 -12.94 11.95
N ALA B 162 -11.33 -11.66 11.71
CA ALA B 162 -9.98 -11.24 11.39
C ALA B 162 -9.80 -9.77 11.73
N GLY B 163 -8.61 -9.41 12.16
CA GLY B 163 -8.35 -8.04 12.50
C GLY B 163 -6.91 -7.80 12.89
N ASP B 164 -6.71 -6.65 13.54
CA ASP B 164 -5.36 -6.19 13.86
C ASP B 164 -5.41 -5.47 15.19
N GLU B 165 -4.89 -6.09 16.24
CA GLU B 165 -4.97 -5.50 17.56
C GLU B 165 -4.08 -4.27 17.72
N LYS B 166 -3.10 -4.08 16.84
CA LYS B 166 -2.16 -2.98 17.07
C LYS B 166 -2.66 -1.66 16.50
N TYR B 167 -3.06 -1.65 15.23
CA TYR B 167 -3.55 -0.44 14.60
C TYR B 167 -5.03 -0.49 14.29
N GLY B 168 -5.65 -1.66 14.40
CA GLY B 168 -7.06 -1.76 14.09
C GLY B 168 -7.40 -1.78 12.62
N LYS B 169 -6.44 -2.10 11.75
CA LYS B 169 -6.76 -2.30 10.33
C LYS B 169 -8.00 -3.15 10.17
N ASP B 170 -8.90 -2.71 9.28
CA ASP B 170 -10.22 -3.30 9.26
C ASP B 170 -10.92 -2.94 7.96
N SER B 171 -11.85 -3.80 7.55
CA SER B 171 -12.76 -3.46 6.46
C SER B 171 -13.82 -2.48 6.94
N CYS B 172 -14.60 -1.93 6.00
CA CYS B 172 -15.57 -0.90 6.38
C CYS B 172 -16.70 -0.84 5.35
N GLN B 173 -17.59 0.14 5.53
CA GLN B 173 -18.73 0.28 4.64
C GLN B 173 -18.27 0.50 3.21
N GLY B 174 -18.79 -0.31 2.29
CA GLY B 174 -18.38 -0.28 0.90
C GLY B 174 -17.43 -1.39 0.52
N ASP B 175 -16.85 -2.07 1.50
CA ASP B 175 -15.97 -3.20 1.28
C ASP B 175 -16.71 -4.53 1.24
N SER B 176 -18.00 -4.53 1.61
CA SER B 176 -18.75 -5.77 1.74
C SER B 176 -18.65 -6.59 0.46
N GLY B 177 -18.51 -7.90 0.62
CA GLY B 177 -18.39 -8.80 -0.50
C GLY B 177 -17.01 -8.93 -1.08
N GLY B 178 -16.09 -8.04 -0.70
CA GLY B 178 -14.72 -8.14 -1.18
C GLY B 178 -13.94 -9.22 -0.45
N PRO B 179 -12.72 -9.47 -0.91
CA PRO B 179 -11.97 -10.64 -0.44
C PRO B 179 -11.16 -10.45 0.83
N LEU B 180 -11.11 -11.52 1.62
CA LEU B 180 -10.10 -11.77 2.64
C LEU B 180 -9.20 -12.88 2.09
N VAL B 181 -7.95 -12.53 1.78
CA VAL B 181 -7.04 -13.41 1.06
C VAL B 181 -5.97 -13.91 2.02
N CYS B 182 -5.81 -15.23 2.11
CA CYS B 182 -4.78 -15.83 2.97
C CYS B 182 -4.01 -16.87 2.16
N GLY B 183 -2.69 -16.72 2.12
CA GLY B 183 -1.88 -17.65 1.35
C GLY B 183 -2.31 -17.76 -0.10
N ASP B 184 -2.63 -16.63 -0.73
CA ASP B 184 -3.04 -16.56 -2.13
C ASP B 184 -4.31 -17.33 -2.42
N HIS B 185 -5.14 -17.59 -1.42
CA HIS B 185 -6.44 -18.22 -1.64
C HIS B 185 -7.53 -17.40 -1.00
N LEU B 186 -8.74 -17.52 -1.54
CA LEU B 186 -9.89 -16.80 -0.99
C LEU B 186 -10.37 -17.49 0.28
N ARG B 187 -10.21 -16.82 1.43
CA ARG B 187 -10.61 -17.32 2.74
C ARG B 187 -11.90 -16.72 3.28
N GLY B 188 -12.24 -15.46 2.96
CA GLY B 188 -13.42 -14.85 3.51
C GLY B 188 -13.99 -13.81 2.57
N LEU B 189 -15.22 -13.38 2.86
CA LEU B 189 -15.83 -12.23 2.20
C LEU B 189 -16.19 -11.22 3.27
N VAL B 190 -15.91 -9.94 3.02
CA VAL B 190 -16.30 -8.90 3.97
C VAL B 190 -17.80 -8.97 4.21
N SER B 191 -18.21 -9.08 5.48
CA SER B 191 -19.63 -9.22 5.83
C SER B 191 -20.08 -8.12 6.78
N TRP B 192 -19.59 -8.10 8.03
CA TRP B 192 -19.99 -7.09 9.01
C TRP B 192 -18.86 -6.94 10.02
N GLY B 193 -19.08 -6.08 11.01
CA GLY B 193 -18.03 -5.81 11.98
C GLY B 193 -18.40 -4.61 12.81
N ASN B 194 -17.41 -4.07 13.51
CA ASN B 194 -17.71 -3.00 14.44
C ASN B 194 -18.03 -1.70 13.70
N ILE B 195 -18.81 -0.84 14.35
CA ILE B 195 -19.02 0.53 13.92
C ILE B 195 -18.73 1.42 15.13
N PRO B 196 -17.81 2.40 15.05
CA PRO B 196 -17.03 2.72 13.85
C PRO B 196 -16.07 1.60 13.45
N CYS B 197 -15.70 1.58 12.18
CA CYS B 197 -14.79 0.54 11.72
C CYS B 197 -13.43 0.69 12.40
N GLY B 198 -12.76 -0.45 12.54
CA GLY B 198 -11.54 -0.51 13.33
C GLY B 198 -11.58 -1.76 14.19
N SER B 199 -10.53 -2.57 14.16
CA SER B 199 -10.54 -3.89 14.76
C SER B 199 -9.67 -3.98 16.01
N LYS B 200 -9.36 -2.84 16.64
CA LYS B 200 -8.52 -2.88 17.85
C LYS B 200 -9.19 -3.67 18.97
N GLU B 201 -10.50 -3.53 19.12
CA GLU B 201 -11.23 -4.19 20.20
C GLU B 201 -12.04 -5.36 19.69
N LYS B 202 -12.77 -5.17 18.60
CA LYS B 202 -13.63 -6.20 18.02
C LYS B 202 -13.20 -6.46 16.59
N PRO B 203 -12.97 -7.73 16.22
CA PRO B 203 -12.49 -8.03 14.87
C PRO B 203 -13.59 -7.89 13.82
N GLY B 204 -13.16 -7.73 12.58
CA GLY B 204 -14.11 -7.81 11.48
C GLY B 204 -14.62 -9.22 11.29
N VAL B 205 -15.84 -9.33 10.77
CA VAL B 205 -16.48 -10.62 10.58
C VAL B 205 -16.67 -10.88 9.10
N TYR B 206 -16.26 -12.07 8.67
CA TYR B 206 -16.20 -12.42 7.26
C TYR B 206 -16.98 -13.72 7.03
N THR B 207 -17.56 -13.84 5.85
CA THR B 207 -18.17 -15.10 5.49
C THR B 207 -17.08 -16.13 5.29
N ASN B 208 -17.26 -17.30 5.88
CA ASN B 208 -16.22 -18.34 5.96
C ASN B 208 -16.28 -19.16 4.68
N VAL B 209 -15.49 -18.74 3.67
CA VAL B 209 -15.63 -19.24 2.30
C VAL B 209 -15.37 -20.74 2.19
N CYS B 210 -14.50 -21.28 3.04
CA CYS B 210 -14.18 -22.71 2.95
C CYS B 210 -15.40 -23.61 3.16
N ARG B 211 -16.44 -23.11 3.83
CA ARG B 211 -17.63 -23.92 4.07
C ARG B 211 -18.50 -24.09 2.83
N TYR B 212 -18.20 -23.38 1.74
CA TYR B 212 -19.13 -23.26 0.63
C TYR B 212 -18.58 -23.83 -0.68
N THR B 213 -17.46 -24.56 -0.63
CA THR B 213 -16.84 -25.06 -1.85
C THR B 213 -17.79 -25.95 -2.65
N ASN B 214 -18.54 -26.83 -1.99
CA ASN B 214 -19.42 -27.71 -2.75
C ASN B 214 -20.54 -26.94 -3.42
N TRP B 215 -21.20 -26.05 -2.68
CA TRP B 215 -22.27 -25.25 -3.26
C TRP B 215 -21.77 -24.37 -4.40
N ILE B 216 -20.60 -23.74 -4.24
CA ILE B 216 -20.06 -22.91 -5.30
C ILE B 216 -19.82 -23.74 -6.56
N GLN B 217 -19.14 -24.88 -6.41
CA GLN B 217 -18.83 -25.71 -7.57
C GLN B 217 -20.10 -26.20 -8.25
N LYS B 218 -21.07 -26.66 -7.47
CA LYS B 218 -22.34 -27.16 -8.01
C LYS B 218 -23.07 -26.09 -8.82
N THR B 219 -23.12 -24.87 -8.29
CA THR B 219 -23.83 -23.78 -8.94
C THR B 219 -23.19 -23.40 -10.26
N ILE B 220 -21.85 -23.32 -10.27
CA ILE B 220 -21.13 -22.95 -11.49
C ILE B 220 -21.28 -24.04 -12.55
N GLN B 221 -21.31 -25.30 -12.12
CA GLN B 221 -21.36 -26.40 -13.08
C GLN B 221 -22.76 -26.68 -13.60
N ALA B 222 -23.79 -26.10 -12.98
CA ALA B 222 -25.18 -26.33 -13.35
C ALA B 222 -25.51 -25.87 -14.77
C ACA C 1 1.61 12.78 8.16
O ACA C 1 2.80 12.52 8.00
N DPN C 2 0.89 12.62 9.29
CA DPN C 2 1.39 12.10 10.59
C DPN C 2 2.87 12.41 10.85
O DPN C 2 3.28 13.56 10.87
CB DPN C 2 0.53 12.70 11.70
CG DPN C 2 -0.68 12.02 11.65
CD1 DPN C 2 -1.87 12.67 11.33
CD2 DPN C 2 -0.68 10.66 11.91
CE1 DPN C 2 -3.05 11.96 11.28
CE2 DPN C 2 -1.87 9.94 11.85
CZ DPN C 2 -3.06 10.59 11.54
C SEM C 3 5.80 11.08 10.03
O SEM C 3 7.03 11.10 9.96
CA SEM C 3 5.07 11.44 11.32
N SEM C 3 3.63 11.33 11.07
CB SEM C 3 5.50 10.43 12.37
OG SEM C 3 4.73 9.25 12.15
C' SEM C 3 5.25 8.08 12.81
C1' SEM C 3 4.99 8.04 14.17
C2' SEM C 3 6.00 8.36 15.09
C3' SEM C 3 5.75 8.32 16.45
C4' SEM C 3 4.48 7.94 16.90
C5' SEM C 3 3.47 7.62 16.00
C6' SEM C 3 3.73 7.66 14.63
CB A1H2D C 4 4.29 10.01 6.79
CA A1H2D C 4 5.46 10.37 7.68
C A1H2D C 4 6.13 11.61 7.08
CG A1H2D C 4 3.93 8.54 6.96
CD2 A1H2D C 4 2.79 8.24 6.25
CE2 A1H2D C 4 2.89 6.98 5.79
CD1 A1H2D C 4 4.97 7.63 6.32
CE3 A1H2D C 4 1.70 8.98 6.02
CZ3 A1H2D C 4 0.64 8.45 5.29
CH2 A1H2D C 4 0.75 7.15 4.82
CZ2 A1H2D C 4 1.90 6.42 5.10
N A1H2D C 4 4.98 10.72 9.03
NE1 A1H2D C 4 4.08 6.46 6.14
O A1H2D C 4 5.66 12.73 7.25
O1 A1H2E C 5 8.19 13.75 3.28
CA A1H2E C 5 7.88 12.57 5.69
CB A1H2E C 5 9.36 12.58 6.03
CG A1H2E C 5 9.35 12.81 7.54
CD A1H2E C 5 10.64 12.41 8.22
CZ A1H2E C 5 11.72 13.27 10.28
CCT A1H2E C 5 5.36 12.99 2.97
CCU A1H2E C 5 4.69 13.96 3.71
CCV A1H2E C 5 3.86 14.87 3.07
CCW A1H2E C 5 3.71 14.81 1.69
CCX A1H2E C 5 4.38 13.83 0.94
CCY A1H2E C 5 5.22 12.92 1.59
N A1H2E C 5 7.20 11.41 6.33
NE A1H2E C 5 10.65 13.12 9.51
NH1 A1H2E C 5 12.91 12.79 9.88
NH2 A1H2E C 5 11.58 13.88 11.47
OCS A1H2E C 5 6.17 12.10 3.60
PAD A1H2E C 5 7.67 12.53 3.93
C ACA D 1 -27.38 -2.62 8.81
O ACA D 1 -26.25 -3.04 8.54
C2 ACA D 1 -28.34 -2.25 7.69
C3 ACA D 1 -27.80 -0.99 6.99
N DPN D 2 -27.86 -2.52 10.05
CA DPN D 2 -27.10 -2.79 11.28
C DPN D 2 -25.58 -2.46 11.17
O DPN D 2 -25.19 -1.33 10.94
CB DPN D 2 -27.70 -1.92 12.39
CG DPN D 2 -28.94 -2.48 12.80
CD1 DPN D 2 -30.13 -1.79 12.55
CD2 DPN D 2 -29.00 -3.72 13.41
CE1 DPN D 2 -31.36 -2.33 12.92
CE2 DPN D 2 -30.21 -4.25 13.80
CZ DPN D 2 -31.40 -3.57 13.55
C SEM D 3 -22.76 -3.99 10.03
O SEM D 3 -21.54 -4.09 9.86
CA SEM D 3 -23.31 -3.50 11.37
N SEM D 3 -24.79 -3.51 11.38
CB SEM D 3 -22.86 -4.49 12.45
OG SEM D 3 -22.85 -3.80 13.70
C' SEM D 3 -22.74 -4.65 14.85
C1' SEM D 3 -22.54 -3.81 15.93
C2' SEM D 3 -22.97 -4.18 17.21
C3' SEM D 3 -22.75 -3.33 18.28
C4' SEM D 3 -22.12 -2.11 18.10
C5' SEM D 3 -21.69 -1.73 16.83
C6' SEM D 3 -21.91 -2.59 15.75
CB A1H2D D 4 -24.52 -4.80 6.83
CA A1H2D D 4 -23.29 -4.75 7.73
C A1H2D D 4 -22.31 -3.82 7.02
CG A1H2D D 4 -25.35 -6.03 7.08
CD2 A1H2D D 4 -26.52 -5.99 6.29
CE2 A1H2D D 4 -26.85 -7.24 5.95
CD1 A1H2D D 4 -24.68 -7.30 6.59
CE3 A1H2D D 4 -27.28 -4.96 5.90
CZ3 A1H2D D 4 -28.42 -5.16 5.13
CH2 A1H2D D 4 -28.75 -6.45 4.77
CZ2 A1H2D D 4 -27.94 -7.48 5.22
N A1H2D D 4 -23.66 -4.25 9.07
NE1 A1H2D D 4 -25.93 -8.07 6.44
O A1H2D D 4 -22.43 -2.59 7.12
O1 A1H2E D 5 -19.94 -2.62 2.95
CA A1H2E D 5 -20.43 -3.54 5.51
CB A1H2E D 5 -18.95 -3.91 5.83
CG A1H2E D 5 -18.91 -3.76 7.35
CD A1H2E D 5 -17.78 -3.06 8.07
CZ A1H2E D 5 -15.94 -4.09 9.52
CCT A1H2E D 5 -23.24 -3.04 2.89
CCU A1H2E D 5 -23.92 -2.01 3.55
CCV A1H2E D 5 -24.93 -1.34 2.87
CCW A1H2E D 5 -25.29 -1.70 1.58
CCX A1H2E D 5 -24.64 -2.74 0.93
CCY A1H2E D 5 -23.62 -3.41 1.60
N A1H2E D 5 -21.37 -4.42 6.26
NE A1H2E D 5 -16.79 -4.06 8.47
NH1 A1H2E D 5 -15.91 -3.21 10.55
NH2 A1H2E D 5 -15.07 -5.10 9.54
OCS A1H2E D 5 -22.27 -3.78 3.49
PAD A1H2E D 5 -20.70 -3.64 3.72
#